data_1D7O
#
_entry.id   1D7O
#
_cell.length_a   70.5
_cell.length_b   70.5
_cell.length_c   118.0
_cell.angle_alpha   90
_cell.angle_beta   90
_cell.angle_gamma   90
#
_symmetry.space_group_name_H-M   'P 42 21 2'
#
loop_
_entity.id
_entity.type
_entity.pdbx_description
1 polymer 'ENOYL-[ACYL-CARRIER PROTEIN] REDUCTASE (NADH) PRECURSOR'
2 non-polymer NICOTINAMIDE-ADENINE-DINUCLEOTIDE
3 non-polymer TRICLOSAN
4 water water
#
_entity_poly.entity_id   1
_entity_poly.type   'polypeptide(L)'
_entity_poly.pdbx_seq_one_letter_code
;GLPIDLRGKRAFIAGIADDNGYGWAVAKSLAAAGAEILVGTWVPALNIFETSLRRGKFDQSRVLPDGSLMEIKKVYPLDA
VFDNPEDVPEDVKANKRYAGSSNWTVQEAAECVRQDFGSIDILVHSLANGPEVSKPLLETSRKGYLAAISASSYSFVSLL
SHFLPIMNPGGASISLTYIASERIIPGYGGGMSSAKAALESDTRVLAFEAGRKQNIRVNTISAGPLGSRAAKAIGFIDTM
IEYSYNNAPIQKTLTADEVGNAAAFLVSPLASAITGATIYVDNGLNSMGVALDSPVF
;
_entity_poly.pdbx_strand_id   A
#
loop_
_chem_comp.id
_chem_comp.type
_chem_comp.name
_chem_comp.formula
NAD non-polymer NICOTINAMIDE-ADENINE-DINUCLEOTIDE 'C21 H27 N7 O14 P2'
TCL non-polymer TRICLOSAN 'C12 H7 Cl3 O2'
#
# COMPACT_ATOMS: atom_id res chain seq x y z
N GLY A 1 8.95 13.03 -24.38
CA GLY A 1 8.53 14.44 -24.31
C GLY A 1 7.39 14.59 -23.29
N LEU A 2 6.95 13.50 -22.84
CA LEU A 2 5.89 13.44 -21.81
C LEU A 2 6.32 12.52 -20.67
N PRO A 3 7.19 12.98 -19.78
CA PRO A 3 7.70 12.19 -18.70
C PRO A 3 6.89 12.39 -17.45
N ILE A 4 6.79 11.31 -16.71
CA ILE A 4 6.21 11.37 -15.37
C ILE A 4 7.37 11.83 -14.51
N ASP A 5 7.42 13.13 -14.32
CA ASP A 5 8.54 13.79 -13.66
C ASP A 5 8.28 14.08 -12.17
N LEU A 6 8.99 13.34 -11.33
CA LEU A 6 8.87 13.46 -9.87
C LEU A 6 10.18 13.96 -9.24
N ARG A 7 11.05 14.50 -10.08
CA ARG A 7 12.35 15.01 -9.64
C ARG A 7 12.15 16.17 -8.66
N GLY A 8 12.88 16.12 -7.56
CA GLY A 8 12.74 17.16 -6.58
C GLY A 8 11.57 16.82 -5.67
N LYS A 9 10.87 15.69 -5.87
CA LYS A 9 9.74 15.36 -4.98
C LYS A 9 10.21 14.29 -4.02
N ARG A 10 9.58 14.21 -2.86
CA ARG A 10 9.95 13.23 -1.85
C ARG A 10 8.68 12.42 -1.49
N ALA A 11 8.86 11.09 -1.39
CA ALA A 11 7.75 10.19 -1.11
C ALA A 11 7.98 9.36 0.13
N PHE A 12 6.96 9.20 0.94
CA PHE A 12 7.15 8.35 2.09
C PHE A 12 6.30 7.12 1.77
N ILE A 13 6.92 5.95 1.67
CA ILE A 13 6.16 4.73 1.37
C ILE A 13 5.95 3.82 2.59
N ALA A 14 4.72 3.77 3.09
CA ALA A 14 4.41 2.94 4.24
C ALA A 14 3.98 1.55 3.83
N GLY A 15 4.70 0.55 4.34
CA GLY A 15 4.39 -0.83 4.02
C GLY A 15 5.36 -1.64 3.17
N ILE A 16 6.66 -1.38 3.26
CA ILE A 16 7.63 -2.17 2.50
C ILE A 16 8.41 -3.04 3.49
N ALA A 17 8.41 -4.36 3.30
CA ALA A 17 9.13 -5.24 4.22
C ALA A 17 10.00 -6.23 3.47
N ASP A 18 9.85 -6.18 2.16
CA ASP A 18 10.58 -7.04 1.25
C ASP A 18 10.35 -6.52 -0.19
N ASP A 19 10.92 -7.21 -1.16
CA ASP A 19 10.78 -6.78 -2.52
C ASP A 19 9.69 -7.51 -3.27
N ASN A 20 8.84 -8.29 -2.60
CA ASN A 20 7.80 -9.05 -3.34
C ASN A 20 6.40 -8.47 -3.40
N GLY A 21 6.14 -7.36 -2.73
CA GLY A 21 4.77 -6.82 -2.71
C GLY A 21 4.56 -5.61 -3.61
N TYR A 22 3.40 -4.99 -3.49
CA TYR A 22 3.13 -3.82 -4.31
C TYR A 22 3.90 -2.64 -3.82
N GLY A 23 4.17 -2.58 -2.52
CA GLY A 23 4.89 -1.43 -1.95
C GLY A 23 6.26 -1.20 -2.61
N TRP A 24 6.99 -2.29 -2.77
CA TRP A 24 8.30 -2.26 -3.41
C TRP A 24 8.17 -1.74 -4.84
N ALA A 25 7.17 -2.24 -5.56
CA ALA A 25 6.93 -1.84 -6.95
C ALA A 25 6.59 -0.38 -7.10
N VAL A 26 5.79 0.14 -6.19
CA VAL A 26 5.44 1.56 -6.29
C VAL A 26 6.73 2.36 -6.07
N ALA A 27 7.54 1.94 -5.08
CA ALA A 27 8.79 2.65 -4.76
C ALA A 27 9.70 2.65 -5.98
N LYS A 28 9.79 1.50 -6.62
CA LYS A 28 10.63 1.43 -7.81
C LYS A 28 10.14 2.42 -8.86
N SER A 29 8.83 2.46 -9.05
CA SER A 29 8.27 3.36 -10.04
C SER A 29 8.53 4.82 -9.73
N LEU A 30 8.30 5.17 -8.47
CA LEU A 30 8.54 6.55 -8.10
C LEU A 30 10.01 6.87 -8.22
N ALA A 31 10.86 5.90 -7.90
CA ALA A 31 12.29 6.13 -7.98
C ALA A 31 12.67 6.29 -9.46
N ALA A 32 12.04 5.52 -10.34
CA ALA A 32 12.37 5.69 -11.74
C ALA A 32 11.92 7.09 -12.22
N ALA A 33 10.81 7.60 -11.70
CA ALA A 33 10.32 8.93 -12.11
C ALA A 33 11.15 10.08 -11.50
N GLY A 34 12.07 9.72 -10.61
CA GLY A 34 12.94 10.74 -9.97
C GLY A 34 12.71 11.12 -8.52
N ALA A 35 11.75 10.49 -7.86
CA ALA A 35 11.49 10.84 -6.47
C ALA A 35 12.53 10.28 -5.49
N GLU A 36 12.65 10.99 -4.37
CA GLU A 36 13.53 10.63 -3.25
C GLU A 36 12.63 9.70 -2.42
N ILE A 37 13.13 8.52 -2.14
CA ILE A 37 12.37 7.52 -1.43
C ILE A 37 12.65 7.29 0.07
N LEU A 38 11.61 7.46 0.90
CA LEU A 38 11.66 7.21 2.35
C LEU A 38 10.73 6.02 2.57
N VAL A 39 11.15 5.08 3.40
CA VAL A 39 10.34 3.92 3.66
C VAL A 39 9.97 3.72 5.10
N GLY A 40 8.74 3.25 5.29
CA GLY A 40 8.16 2.94 6.60
C GLY A 40 8.11 1.39 6.65
N THR A 41 8.90 0.78 7.54
CA THR A 41 8.93 -0.68 7.66
C THR A 41 8.35 -1.11 8.98
N TRP A 42 7.47 -2.10 8.94
CA TRP A 42 6.81 -2.59 10.14
C TRP A 42 7.86 -3.11 11.10
N VAL A 43 7.80 -2.63 12.34
CA VAL A 43 8.78 -3.01 13.35
C VAL A 43 9.29 -4.45 13.38
N PRO A 44 8.41 -5.43 13.51
CA PRO A 44 8.84 -6.79 13.56
C PRO A 44 9.61 -7.23 12.31
N ALA A 45 9.45 -6.48 11.24
CA ALA A 45 10.14 -6.88 10.02
C ALA A 45 11.39 -6.11 9.73
N LEU A 46 11.55 -5.04 10.48
CA LEU A 46 12.66 -4.17 10.28
C LEU A 46 14.02 -4.79 10.14
N ASN A 47 14.35 -5.68 11.05
CA ASN A 47 15.68 -6.27 10.97
C ASN A 47 16.08 -7.05 9.75
N ILE A 48 15.28 -8.02 9.38
CA ILE A 48 15.59 -8.82 8.20
C ILE A 48 15.58 -7.92 6.95
N PHE A 49 14.69 -6.93 6.94
CA PHE A 49 14.63 -6.03 5.78
C PHE A 49 15.92 -5.25 5.60
N GLU A 50 16.29 -4.50 6.63
CA GLU A 50 17.52 -3.70 6.55
C GLU A 50 18.75 -4.55 6.26
N THR A 51 18.80 -5.73 6.86
CA THR A 51 19.92 -6.66 6.66
C THR A 51 20.04 -7.23 5.26
N SER A 52 18.91 -7.64 4.71
CA SER A 52 18.92 -8.19 3.36
C SER A 52 19.28 -7.05 2.40
N LEU A 53 18.74 -5.87 2.68
CA LEU A 53 18.99 -4.74 1.85
C LEU A 53 20.50 -4.52 1.89
N ARG A 54 21.09 -4.52 3.08
CA ARG A 54 22.55 -4.32 3.25
C ARG A 54 23.47 -5.36 2.58
N ARG A 55 23.11 -6.64 2.68
CA ARG A 55 23.86 -7.75 2.08
C ARG A 55 23.72 -7.80 0.55
N GLY A 56 22.94 -6.89 0.01
CA GLY A 56 22.69 -6.79 -1.42
C GLY A 56 21.67 -7.84 -1.84
N LYS A 57 20.90 -8.32 -0.89
CA LYS A 57 19.94 -9.33 -1.28
C LYS A 57 18.88 -8.84 -2.24
N PHE A 58 18.57 -7.56 -2.22
CA PHE A 58 17.54 -7.09 -3.15
C PHE A 58 18.10 -6.39 -4.35
N ASP A 59 19.39 -6.49 -4.56
CA ASP A 59 19.95 -5.77 -5.69
C ASP A 59 19.34 -6.00 -7.06
N GLN A 60 19.02 -7.24 -7.39
CA GLN A 60 18.43 -7.47 -8.70
C GLN A 60 17.06 -6.78 -8.76
N SER A 61 16.36 -6.74 -7.63
CA SER A 61 15.06 -6.07 -7.53
C SER A 61 15.14 -4.53 -7.54
N ARG A 62 16.33 -3.99 -7.36
CA ARG A 62 16.51 -2.54 -7.32
C ARG A 62 16.86 -1.96 -8.66
N VAL A 63 17.07 -2.81 -9.66
CA VAL A 63 17.46 -2.31 -10.97
C VAL A 63 16.33 -1.53 -11.66
N LEU A 64 16.63 -0.29 -12.00
CA LEU A 64 15.67 0.58 -12.68
C LEU A 64 15.86 0.42 -14.18
N PRO A 65 14.88 0.84 -14.96
CA PRO A 65 14.95 0.75 -16.43
C PRO A 65 16.27 1.38 -16.87
N ASP A 66 16.52 2.50 -16.22
CA ASP A 66 17.69 3.30 -16.36
C ASP A 66 18.94 2.42 -16.34
N GLY A 67 18.88 1.29 -15.65
CA GLY A 67 20.01 0.37 -15.50
C GLY A 67 20.59 0.60 -14.10
N SER A 68 20.37 1.80 -13.58
CA SER A 68 20.84 2.12 -12.23
C SER A 68 19.98 1.43 -11.16
N LEU A 69 20.46 1.45 -9.95
CA LEU A 69 19.74 0.82 -8.86
C LEU A 69 18.96 1.82 -8.02
N MET A 70 17.81 1.40 -7.55
CA MET A 70 16.99 2.28 -6.74
C MET A 70 17.66 2.60 -5.38
N GLU A 71 17.57 3.85 -4.95
CA GLU A 71 18.13 4.19 -3.64
C GLU A 71 17.02 4.49 -2.64
N ILE A 72 17.11 3.87 -1.48
CA ILE A 72 16.14 4.10 -0.44
C ILE A 72 16.91 5.08 0.45
N LYS A 73 16.46 6.33 0.47
CA LYS A 73 17.15 7.37 1.25
C LYS A 73 17.16 7.07 2.78
N LYS A 74 16.07 6.48 3.30
CA LYS A 74 16.01 6.15 4.73
C LYS A 74 14.85 5.24 5.11
N VAL A 75 15.13 4.28 5.96
CA VAL A 75 14.10 3.35 6.41
C VAL A 75 13.67 3.75 7.79
N TYR A 76 12.36 3.91 8.00
CA TYR A 76 11.85 4.30 9.29
C TYR A 76 11.05 3.18 9.89
N PRO A 77 11.30 2.80 11.15
CA PRO A 77 10.50 1.71 11.74
C PRO A 77 9.12 2.31 11.96
N LEU A 78 8.08 1.51 11.84
CA LEU A 78 6.75 2.03 12.02
C LEU A 78 5.76 0.94 12.34
N ASP A 79 4.78 1.27 13.19
CA ASP A 79 3.70 0.35 13.50
C ASP A 79 2.47 1.26 13.46
N ALA A 80 1.77 1.18 12.31
CA ALA A 80 0.61 2.00 12.02
C ALA A 80 -0.66 1.73 12.78
N VAL A 81 -0.58 0.82 13.74
CA VAL A 81 -1.75 0.55 14.56
C VAL A 81 -1.60 1.45 15.79
N PHE A 82 -0.42 2.04 16.03
CA PHE A 82 -0.28 2.93 17.20
C PHE A 82 -0.04 4.39 16.84
N ASP A 83 -0.90 5.28 17.28
CA ASP A 83 -0.72 6.70 16.91
C ASP A 83 0.32 7.46 17.71
N ASN A 84 0.33 7.19 19.01
CA ASN A 84 1.27 7.85 19.91
C ASN A 84 1.72 6.94 20.99
N PRO A 85 2.87 7.28 21.52
CA PRO A 85 3.53 6.49 22.54
C PRO A 85 2.63 6.02 23.65
N GLU A 86 1.80 6.92 24.15
CA GLU A 86 0.93 6.50 25.21
C GLU A 86 -0.07 5.46 24.79
N ASP A 87 -0.19 5.19 23.50
CA ASP A 87 -1.14 4.18 23.05
C ASP A 87 -0.61 2.76 23.12
N VAL A 88 0.70 2.61 23.23
CA VAL A 88 1.29 1.29 23.27
C VAL A 88 1.25 0.57 24.62
N PRO A 89 0.83 -0.69 24.61
CA PRO A 89 0.78 -1.49 25.82
C PRO A 89 2.21 -1.91 26.12
N GLU A 90 2.59 -1.92 27.41
CA GLU A 90 3.94 -2.31 27.83
C GLU A 90 4.16 -3.72 27.33
N ASP A 91 3.05 -4.44 27.20
CA ASP A 91 3.07 -5.78 26.70
C ASP A 91 3.82 -5.72 25.36
N VAL A 92 3.46 -4.77 24.50
CA VAL A 92 4.09 -4.58 23.19
C VAL A 92 5.45 -3.91 23.32
N LYS A 93 5.48 -2.83 24.11
CA LYS A 93 6.71 -2.06 24.32
C LYS A 93 7.86 -2.99 24.70
N ALA A 94 7.51 -3.94 25.56
CA ALA A 94 8.45 -4.92 26.06
C ALA A 94 8.90 -6.02 25.08
N ASN A 95 8.19 -6.22 23.98
CA ASN A 95 8.64 -7.25 23.06
C ASN A 95 9.99 -6.84 22.49
N LYS A 96 10.89 -7.82 22.39
CA LYS A 96 12.24 -7.58 21.89
C LYS A 96 12.30 -6.71 20.63
N ARG A 97 11.49 -7.06 19.64
CA ARG A 97 11.45 -6.30 18.39
C ARG A 97 11.12 -4.81 18.65
N TYR A 98 9.98 -4.57 19.28
CA TYR A 98 9.63 -3.20 19.55
C TYR A 98 10.62 -2.60 20.49
N ALA A 99 11.24 -3.48 21.27
CA ALA A 99 12.25 -3.11 22.26
C ALA A 99 13.52 -2.56 21.58
N GLY A 100 13.91 -3.22 20.50
CA GLY A 100 15.10 -2.86 19.73
C GLY A 100 15.06 -1.56 18.93
N SER A 101 13.93 -0.91 18.78
CA SER A 101 13.97 0.31 17.97
C SER A 101 13.09 1.31 18.61
N SER A 102 13.04 2.51 18.04
CA SER A 102 12.22 3.56 18.63
C SER A 102 11.57 4.46 17.61
N ASN A 103 10.78 5.39 18.13
CA ASN A 103 10.10 6.38 17.30
C ASN A 103 9.17 5.78 16.22
N TRP A 104 8.67 4.60 16.50
CA TRP A 104 7.82 3.92 15.58
C TRP A 104 6.29 4.14 15.61
N THR A 105 5.80 5.04 16.47
CA THR A 105 4.34 5.26 16.44
C THR A 105 4.15 6.26 15.28
N VAL A 106 2.91 6.38 14.77
CA VAL A 106 2.71 7.30 13.65
C VAL A 106 3.12 8.74 13.97
N GLN A 107 2.70 9.24 15.11
CA GLN A 107 3.08 10.59 15.49
C GLN A 107 4.62 10.77 15.51
N GLU A 108 5.33 9.77 16.01
CA GLU A 108 6.79 9.85 16.11
C GLU A 108 7.53 9.80 14.78
N ALA A 109 7.07 8.89 13.91
CA ALA A 109 7.68 8.74 12.59
C ALA A 109 7.50 10.05 11.85
N ALA A 110 6.29 10.61 11.95
CA ALA A 110 6.04 11.89 11.25
C ALA A 110 6.95 12.97 11.76
N GLU A 111 7.16 13.04 13.07
CA GLU A 111 8.05 14.08 13.58
C GLU A 111 9.48 13.82 13.10
N CYS A 112 9.91 12.55 13.04
CA CYS A 112 11.27 12.28 12.57
C CYS A 112 11.41 12.71 11.12
N VAL A 113 10.43 12.42 10.28
CA VAL A 113 10.60 12.84 8.89
C VAL A 113 10.69 14.37 8.79
N ARG A 114 9.89 15.05 9.61
CA ARG A 114 9.88 16.51 9.62
C ARG A 114 11.27 17.01 9.99
N GLN A 115 11.82 16.42 11.05
CA GLN A 115 13.13 16.78 11.55
C GLN A 115 14.17 16.45 10.50
N ASP A 116 14.06 15.28 9.88
CA ASP A 116 15.04 14.89 8.88
C ASP A 116 14.99 15.50 7.50
N PHE A 117 13.79 15.82 7.02
CA PHE A 117 13.67 16.34 5.66
C PHE A 117 12.77 17.56 5.57
N GLY A 118 11.98 17.79 6.61
CA GLY A 118 11.09 18.95 6.62
C GLY A 118 9.76 18.84 5.89
N SER A 119 9.74 18.14 4.76
CA SER A 119 8.49 17.99 3.97
C SER A 119 8.49 16.81 3.00
N ILE A 120 7.30 16.45 2.52
CA ILE A 120 7.24 15.37 1.59
C ILE A 120 6.17 15.81 0.62
N ASP A 121 6.15 15.17 -0.53
CA ASP A 121 5.18 15.48 -1.56
C ASP A 121 4.19 14.36 -1.78
N ILE A 122 4.64 13.13 -1.55
CA ILE A 122 3.81 11.96 -1.80
C ILE A 122 3.74 10.97 -0.65
N LEU A 123 2.53 10.54 -0.37
CA LEU A 123 2.29 9.56 0.69
C LEU A 123 1.70 8.30 0.06
N VAL A 124 2.37 7.17 0.23
CA VAL A 124 1.88 5.93 -0.32
C VAL A 124 1.58 4.98 0.84
N HIS A 125 0.37 4.44 0.89
CA HIS A 125 -0.07 3.49 1.93
C HIS A 125 -0.19 2.15 1.22
N SER A 126 0.60 1.20 1.67
CA SER A 126 0.59 -0.08 1.06
C SER A 126 0.68 -1.10 2.14
N LEU A 127 -0.26 -1.05 3.05
CA LEU A 127 -0.22 -2.00 4.13
C LEU A 127 -1.60 -2.46 4.54
N ALA A 128 -1.66 -3.64 5.14
CA ALA A 128 -2.89 -4.21 5.58
C ALA A 128 -2.53 -5.32 6.55
N ASN A 129 -3.48 -5.72 7.38
CA ASN A 129 -3.20 -6.79 8.30
C ASN A 129 -4.54 -7.20 8.88
N GLY A 130 -4.76 -8.50 9.05
CA GLY A 130 -6.02 -8.96 9.58
C GLY A 130 -5.82 -10.35 10.10
N PRO A 131 -5.76 -10.44 11.42
CA PRO A 131 -5.58 -11.69 12.13
C PRO A 131 -6.57 -12.82 11.80
N GLU A 132 -7.84 -12.49 11.53
CA GLU A 132 -8.87 -13.51 11.24
C GLU A 132 -9.26 -13.64 9.78
N VAL A 133 -8.37 -13.18 8.91
CA VAL A 133 -8.63 -13.19 7.49
C VAL A 133 -9.09 -14.53 6.94
N SER A 134 -8.71 -15.63 7.57
CA SER A 134 -9.16 -16.91 7.02
C SER A 134 -10.53 -17.34 7.51
N LYS A 135 -11.18 -16.54 8.33
CA LYS A 135 -12.50 -16.91 8.85
C LYS A 135 -13.64 -16.22 8.08
N PRO A 136 -14.79 -16.86 7.94
CA PRO A 136 -15.90 -16.18 7.28
C PRO A 136 -16.33 -15.07 8.24
N LEU A 137 -17.07 -14.09 7.74
CA LEU A 137 -17.52 -13.04 8.61
C LEU A 137 -18.39 -13.57 9.73
N LEU A 138 -19.21 -14.58 9.44
CA LEU A 138 -20.08 -15.10 10.49
C LEU A 138 -19.24 -15.66 11.64
N GLU A 139 -17.97 -15.98 11.38
CA GLU A 139 -17.12 -16.52 12.46
C GLU A 139 -16.04 -15.60 12.97
N THR A 140 -16.05 -14.34 12.55
CA THR A 140 -15.04 -13.38 12.95
C THR A 140 -15.43 -12.70 14.21
N SER A 141 -14.48 -12.55 15.14
CA SER A 141 -14.78 -11.89 16.41
C SER A 141 -14.72 -10.40 16.29
N ARG A 142 -15.31 -9.74 17.28
CA ARG A 142 -15.32 -8.31 17.26
C ARG A 142 -13.87 -7.78 17.28
N LYS A 143 -13.03 -8.40 18.10
CA LYS A 143 -11.63 -7.94 18.14
C LYS A 143 -10.94 -8.18 16.81
N GLY A 144 -11.18 -9.33 16.20
CA GLY A 144 -10.52 -9.61 14.95
C GLY A 144 -10.94 -8.59 13.90
N TYR A 145 -12.23 -8.34 13.82
CA TYR A 145 -12.73 -7.40 12.84
C TYR A 145 -12.19 -5.98 13.08
N LEU A 146 -12.23 -5.53 14.31
CA LEU A 146 -11.73 -4.20 14.58
C LEU A 146 -10.25 -4.13 14.33
N ALA A 147 -9.55 -5.24 14.50
CA ALA A 147 -8.10 -5.22 14.27
C ALA A 147 -7.82 -5.01 12.77
N ALA A 148 -8.62 -5.65 11.94
CA ALA A 148 -8.42 -5.52 10.50
C ALA A 148 -8.68 -4.06 10.08
N ILE A 149 -9.72 -3.49 10.65
CA ILE A 149 -10.08 -2.12 10.34
C ILE A 149 -9.01 -1.18 10.84
N SER A 150 -8.54 -1.43 12.05
CA SER A 150 -7.55 -0.53 12.60
C SER A 150 -6.24 -0.53 11.78
N ALA A 151 -5.76 -1.69 11.40
CA ALA A 151 -4.51 -1.70 10.64
C ALA A 151 -4.64 -1.42 9.15
N SER A 152 -5.78 -1.78 8.59
CA SER A 152 -5.96 -1.61 7.15
C SER A 152 -6.72 -0.40 6.65
N SER A 153 -7.50 0.26 7.51
CA SER A 153 -8.27 1.43 7.08
C SER A 153 -7.88 2.64 7.92
N TYR A 154 -8.09 2.57 9.22
CA TYR A 154 -7.74 3.74 10.02
C TYR A 154 -6.24 4.10 9.89
N SER A 155 -5.36 3.13 9.72
CA SER A 155 -3.95 3.48 9.59
C SER A 155 -3.75 4.54 8.47
N PHE A 156 -4.59 4.50 7.42
CA PHE A 156 -4.45 5.47 6.34
C PHE A 156 -4.87 6.83 6.86
N VAL A 157 -5.99 6.88 7.55
CA VAL A 157 -6.45 8.17 8.08
C VAL A 157 -5.37 8.79 9.02
N SER A 158 -4.75 7.94 9.82
CA SER A 158 -3.75 8.41 10.73
C SER A 158 -2.50 8.91 10.02
N LEU A 159 -2.00 8.15 9.07
CA LEU A 159 -0.81 8.61 8.36
C LEU A 159 -1.03 9.91 7.65
N LEU A 160 -2.18 10.02 6.99
CA LEU A 160 -2.44 11.23 6.25
C LEU A 160 -2.62 12.39 7.21
N SER A 161 -3.32 12.11 8.29
CA SER A 161 -3.58 13.17 9.24
C SER A 161 -2.29 13.67 9.88
N HIS A 162 -1.37 12.76 10.17
CA HIS A 162 -0.10 13.14 10.80
C HIS A 162 0.89 13.69 9.83
N PHE A 163 0.81 13.29 8.58
CA PHE A 163 1.76 13.86 7.64
C PHE A 163 1.24 15.13 6.97
N LEU A 164 -0.07 15.34 6.94
CA LEU A 164 -0.63 16.51 6.25
C LEU A 164 0.11 17.84 6.51
N PRO A 165 0.49 18.09 7.75
CA PRO A 165 1.17 19.33 8.05
C PRO A 165 2.48 19.47 7.32
N ILE A 166 3.13 18.37 6.96
CA ILE A 166 4.39 18.53 6.24
C ILE A 166 4.29 18.21 4.72
N MET A 167 3.07 18.06 4.22
CA MET A 167 2.94 17.79 2.80
C MET A 167 2.82 19.07 2.01
N ASN A 168 3.66 19.24 1.01
CA ASN A 168 3.55 20.43 0.21
C ASN A 168 2.27 20.41 -0.62
N PRO A 169 1.57 21.52 -0.66
CA PRO A 169 0.33 21.58 -1.46
C PRO A 169 0.66 21.14 -2.89
N GLY A 170 -0.32 20.49 -3.53
CA GLY A 170 -0.13 20.00 -4.90
C GLY A 170 0.44 18.58 -4.80
N GLY A 171 0.59 18.10 -3.57
CA GLY A 171 1.07 16.75 -3.32
C GLY A 171 -0.09 15.72 -3.49
N ALA A 172 0.21 14.44 -3.25
CA ALA A 172 -0.79 13.40 -3.42
C ALA A 172 -0.57 12.14 -2.58
N SER A 173 -1.62 11.37 -2.36
CA SER A 173 -1.41 10.13 -1.63
C SER A 173 -2.15 9.09 -2.44
N ILE A 174 -1.76 7.85 -2.22
CA ILE A 174 -2.39 6.75 -2.93
C ILE A 174 -2.36 5.54 -1.96
N SER A 175 -3.42 4.73 -2.00
CA SER A 175 -3.53 3.54 -1.18
C SER A 175 -3.90 2.39 -2.15
N LEU A 176 -3.84 1.16 -1.66
CA LEU A 176 -4.20 0.00 -2.49
C LEU A 176 -5.41 -0.69 -1.86
N THR A 177 -6.42 -0.95 -2.68
CA THR A 177 -7.59 -1.63 -2.18
C THR A 177 -7.82 -2.92 -3.00
N TYR A 178 -8.97 -3.56 -2.82
CA TYR A 178 -9.24 -4.79 -3.54
C TYR A 178 -10.75 -4.89 -3.64
N ILE A 179 -11.22 -5.47 -4.75
CA ILE A 179 -12.66 -5.60 -5.09
C ILE A 179 -13.59 -6.25 -4.08
N ALA A 180 -13.02 -6.96 -3.11
CA ALA A 180 -13.85 -7.60 -2.09
C ALA A 180 -14.66 -6.55 -1.33
N SER A 181 -14.27 -5.29 -1.44
CA SER A 181 -15.05 -4.27 -0.78
C SER A 181 -16.44 -4.10 -1.46
N GLU A 182 -16.49 -4.24 -2.78
CA GLU A 182 -17.72 -4.05 -3.55
C GLU A 182 -18.45 -5.26 -4.03
N ARG A 183 -17.77 -6.40 -4.12
CA ARG A 183 -18.37 -7.64 -4.59
C ARG A 183 -17.93 -8.74 -3.66
N ILE A 184 -18.72 -9.81 -3.63
CA ILE A 184 -18.45 -10.94 -2.77
C ILE A 184 -17.31 -11.80 -3.28
N ILE A 185 -16.26 -11.91 -2.47
CA ILE A 185 -15.10 -12.74 -2.81
C ILE A 185 -14.94 -13.72 -1.63
N PRO A 186 -15.44 -14.93 -1.78
CA PRO A 186 -15.31 -15.89 -0.66
C PRO A 186 -13.81 -16.11 -0.41
N GLY A 187 -13.44 -16.24 0.86
CA GLY A 187 -12.05 -16.42 1.27
C GLY A 187 -11.34 -15.13 1.75
N TYR A 188 -11.87 -13.95 1.45
CA TYR A 188 -11.19 -12.71 1.91
C TYR A 188 -12.02 -12.36 3.17
N GLY A 189 -11.71 -13.06 4.26
CA GLY A 189 -12.46 -12.93 5.50
C GLY A 189 -11.93 -12.06 6.57
N GLY A 190 -12.41 -12.29 7.80
CA GLY A 190 -11.98 -11.56 8.98
C GLY A 190 -12.20 -10.05 8.99
N GLY A 191 -13.12 -9.54 8.16
CA GLY A 191 -13.40 -8.11 8.15
C GLY A 191 -12.47 -7.39 7.22
N MET A 192 -11.66 -8.14 6.46
CA MET A 192 -10.76 -7.46 5.51
C MET A 192 -11.62 -6.83 4.39
N SER A 193 -12.72 -7.50 4.01
CA SER A 193 -13.57 -6.92 2.97
C SER A 193 -14.15 -5.60 3.53
N SER A 194 -14.54 -5.67 4.81
CA SER A 194 -15.09 -4.51 5.48
C SER A 194 -14.08 -3.39 5.51
N ALA A 195 -12.84 -3.73 5.78
CA ALA A 195 -11.79 -2.72 5.85
C ALA A 195 -11.53 -2.08 4.51
N LYS A 196 -11.53 -2.87 3.45
CA LYS A 196 -11.30 -2.25 2.15
C LYS A 196 -12.48 -1.32 1.78
N ALA A 197 -13.71 -1.67 2.16
CA ALA A 197 -14.82 -0.80 1.85
C ALA A 197 -14.63 0.53 2.61
N ALA A 198 -14.19 0.46 3.87
CA ALA A 198 -14.00 1.70 4.64
C ALA A 198 -12.88 2.51 3.99
N LEU A 199 -11.79 1.85 3.61
CA LEU A 199 -10.68 2.59 3.02
C LEU A 199 -11.12 3.33 1.75
N GLU A 200 -11.95 2.68 0.93
CA GLU A 200 -12.38 3.35 -0.32
C GLU A 200 -13.30 4.53 -0.04
N SER A 201 -14.18 4.38 0.94
CA SER A 201 -15.10 5.46 1.30
C SER A 201 -14.26 6.62 1.90
N ASP A 202 -13.27 6.28 2.71
CA ASP A 202 -12.40 7.33 3.33
C ASP A 202 -11.57 8.04 2.28
N THR A 203 -11.26 7.34 1.21
CA THR A 203 -10.48 7.95 0.15
C THR A 203 -11.27 9.12 -0.42
N ARG A 204 -12.56 8.92 -0.60
CA ARG A 204 -13.41 9.95 -1.13
C ARG A 204 -13.52 11.10 -0.15
N VAL A 205 -13.90 10.77 1.08
CA VAL A 205 -14.04 11.79 2.10
C VAL A 205 -12.76 12.60 2.28
N LEU A 206 -11.62 11.93 2.36
CA LEU A 206 -10.32 12.63 2.52
C LEU A 206 -9.93 13.45 1.31
N ALA A 207 -10.40 13.06 0.11
CA ALA A 207 -10.09 13.87 -1.11
C ALA A 207 -10.77 15.28 -0.88
N PHE A 208 -11.96 15.30 -0.32
CA PHE A 208 -12.61 16.55 -0.04
C PHE A 208 -11.88 17.29 1.11
N GLU A 209 -11.69 16.64 2.25
CA GLU A 209 -11.02 17.28 3.40
C GLU A 209 -9.59 17.77 3.10
N ALA A 210 -8.78 16.88 2.58
CA ALA A 210 -7.42 17.28 2.26
C ALA A 210 -7.37 18.13 1.02
N GLY A 211 -8.31 17.92 0.12
CA GLY A 211 -8.30 18.70 -1.12
C GLY A 211 -8.58 20.15 -0.82
N ARG A 212 -9.63 20.39 -0.07
CA ARG A 212 -9.95 21.76 0.28
C ARG A 212 -8.97 22.32 1.27
N LYS A 213 -8.39 21.47 2.11
CA LYS A 213 -7.48 22.00 3.09
C LYS A 213 -6.11 22.26 2.62
N GLN A 214 -5.59 21.44 1.74
CA GLN A 214 -4.23 21.73 1.36
C GLN A 214 -3.88 21.47 -0.09
N ASN A 215 -4.92 21.31 -0.91
CA ASN A 215 -4.69 20.99 -2.32
C ASN A 215 -3.93 19.67 -2.49
N ILE A 216 -4.30 18.67 -1.70
CA ILE A 216 -3.66 17.36 -1.80
C ILE A 216 -4.67 16.44 -2.49
N ARG A 217 -4.24 15.67 -3.49
CA ARG A 217 -5.15 14.72 -4.17
C ARG A 217 -5.09 13.38 -3.45
N VAL A 218 -6.21 12.67 -3.37
CA VAL A 218 -6.25 11.36 -2.67
C VAL A 218 -7.01 10.33 -3.54
N ASN A 219 -6.34 9.23 -3.90
CA ASN A 219 -6.96 8.21 -4.72
C ASN A 219 -6.55 6.83 -4.23
N THR A 220 -7.23 5.78 -4.72
CA THR A 220 -6.85 4.44 -4.33
C THR A 220 -6.87 3.57 -5.59
N ILE A 221 -6.01 2.56 -5.63
CA ILE A 221 -5.95 1.66 -6.79
C ILE A 221 -6.54 0.32 -6.38
N SER A 222 -7.56 -0.16 -7.10
CA SER A 222 -8.12 -1.46 -6.76
C SER A 222 -7.31 -2.41 -7.61
N ALA A 223 -6.35 -3.10 -7.01
CA ALA A 223 -5.45 -4.01 -7.77
C ALA A 223 -5.89 -5.44 -7.86
N GLY A 224 -5.43 -6.14 -8.90
CA GLY A 224 -5.76 -7.56 -9.08
C GLY A 224 -4.74 -8.41 -8.27
N PRO A 225 -4.85 -9.74 -8.29
CA PRO A 225 -3.94 -10.62 -7.54
C PRO A 225 -2.55 -10.57 -8.12
N LEU A 226 -1.58 -10.39 -7.27
CA LEU A 226 -0.24 -10.28 -7.80
C LEU A 226 0.59 -11.54 -7.90
N GLY A 227 1.18 -11.77 -9.08
CA GLY A 227 2.06 -12.91 -9.30
C GLY A 227 1.76 -13.71 -10.56
N SER A 228 2.65 -14.65 -10.89
CA SER A 228 2.38 -15.46 -12.05
C SER A 228 1.68 -16.72 -11.49
N ARG A 229 1.20 -17.56 -12.40
CA ARG A 229 0.48 -18.77 -12.03
C ARG A 229 1.32 -19.85 -11.33
N ALA A 230 0.77 -20.45 -10.35
CA ALA A 230 1.35 -21.57 -9.59
C ALA A 230 1.28 -22.86 -10.42
N ALA A 231 2.24 -23.74 -10.15
CA ALA A 231 2.29 -25.05 -10.81
C ALA A 231 1.03 -25.82 -10.42
N LYS A 232 0.64 -25.54 -9.21
CA LYS A 232 -0.56 -26.10 -8.61
C LYS A 232 -1.16 -25.07 -7.66
N ALA A 233 -2.14 -24.40 -8.18
CA ALA A 233 -2.87 -23.38 -7.43
C ALA A 233 -3.53 -24.02 -6.24
N ILE A 234 -3.06 -23.56 -5.12
CA ILE A 234 -3.51 -23.93 -3.80
C ILE A 234 -3.25 -22.72 -2.94
N GLY A 235 -4.26 -22.33 -2.24
CA GLY A 235 -4.19 -21.12 -1.44
C GLY A 235 -5.00 -20.06 -2.16
N PHE A 236 -5.46 -19.12 -1.40
CA PHE A 236 -6.34 -18.06 -1.88
C PHE A 236 -5.74 -17.30 -3.08
N ILE A 237 -4.52 -16.82 -2.95
CA ILE A 237 -3.90 -15.97 -4.00
C ILE A 237 -3.61 -16.75 -5.29
N ASP A 238 -3.11 -17.97 -5.15
CA ASP A 238 -2.78 -18.80 -6.33
C ASP A 238 -4.04 -19.05 -7.18
N THR A 239 -5.08 -19.41 -6.50
CA THR A 239 -6.28 -19.70 -7.24
C THR A 239 -6.82 -18.41 -7.93
N MET A 240 -6.67 -17.27 -7.27
CA MET A 240 -7.17 -16.01 -7.80
C MET A 240 -6.38 -15.54 -8.99
N ILE A 241 -5.10 -15.90 -9.02
CA ILE A 241 -4.24 -15.51 -10.12
C ILE A 241 -4.68 -16.26 -11.37
N GLU A 242 -4.94 -17.55 -11.17
CA GLU A 242 -5.40 -18.43 -12.23
C GLU A 242 -6.79 -18.00 -12.72
N TYR A 243 -7.72 -17.74 -11.77
CA TYR A 243 -9.07 -17.32 -12.12
C TYR A 243 -9.07 -16.02 -12.96
N SER A 244 -8.27 -15.04 -12.54
CA SER A 244 -8.19 -13.78 -13.26
C SER A 244 -7.58 -14.01 -14.65
N TYR A 245 -6.56 -14.84 -14.72
CA TYR A 245 -5.94 -15.10 -15.99
C TYR A 245 -6.96 -15.69 -16.99
N ASN A 246 -7.74 -16.65 -16.53
CA ASN A 246 -8.71 -17.27 -17.39
C ASN A 246 -9.89 -16.40 -17.72
N ASN A 247 -10.28 -15.58 -16.77
CA ASN A 247 -11.47 -14.77 -16.92
C ASN A 247 -11.52 -13.27 -17.23
N ALA A 248 -10.37 -12.62 -17.30
CA ALA A 248 -10.29 -11.19 -17.57
C ALA A 248 -10.49 -10.92 -19.03
N PRO A 249 -10.89 -9.69 -19.32
CA PRO A 249 -11.14 -9.26 -20.70
C PRO A 249 -9.90 -9.46 -21.56
N ILE A 250 -8.76 -9.35 -20.93
CA ILE A 250 -7.52 -9.55 -21.64
C ILE A 250 -6.78 -10.63 -20.80
N GLN A 251 -6.40 -11.71 -21.44
CA GLN A 251 -5.74 -12.80 -20.75
C GLN A 251 -4.21 -12.55 -20.61
N LYS A 252 -3.78 -12.32 -19.38
CA LYS A 252 -2.38 -12.05 -19.08
C LYS A 252 -2.27 -11.99 -17.59
N THR A 253 -1.05 -12.04 -17.08
CA THR A 253 -0.95 -11.94 -15.62
C THR A 253 -0.79 -10.45 -15.30
N LEU A 254 -0.70 -10.17 -14.03
CA LEU A 254 -0.52 -8.81 -13.55
C LEU A 254 0.84 -8.82 -12.89
N THR A 255 1.69 -7.87 -13.27
CA THR A 255 3.00 -7.83 -12.63
C THR A 255 3.01 -6.62 -11.73
N ALA A 256 3.84 -6.62 -10.69
CA ALA A 256 3.88 -5.48 -9.78
C ALA A 256 4.15 -4.14 -10.46
N ASP A 257 4.99 -4.12 -11.48
CA ASP A 257 5.24 -2.82 -12.10
C ASP A 257 4.02 -2.20 -12.72
N GLU A 258 3.07 -3.06 -13.09
CA GLU A 258 1.86 -2.57 -13.73
C GLU A 258 1.12 -1.71 -12.79
N VAL A 259 1.17 -2.07 -11.52
CA VAL A 259 0.49 -1.28 -10.48
C VAL A 259 1.38 -0.07 -10.12
N GLY A 260 2.69 -0.35 -10.02
CA GLY A 260 3.64 0.70 -9.68
C GLY A 260 3.59 1.84 -10.71
N ASN A 261 3.45 1.47 -11.97
CA ASN A 261 3.38 2.50 -13.04
C ASN A 261 2.11 3.36 -12.96
N ALA A 262 0.99 2.72 -12.63
CA ALA A 262 -0.26 3.45 -12.48
C ALA A 262 -0.15 4.40 -11.28
N ALA A 263 0.46 3.90 -10.21
CA ALA A 263 0.60 4.75 -9.02
C ALA A 263 1.48 5.93 -9.31
N ALA A 264 2.56 5.71 -10.03
CA ALA A 264 3.46 6.80 -10.33
C ALA A 264 2.69 7.88 -11.10
N PHE A 265 1.88 7.48 -12.07
CA PHE A 265 1.09 8.45 -12.83
C PHE A 265 0.13 9.20 -11.90
N LEU A 266 -0.59 8.44 -11.06
CA LEU A 266 -1.58 9.03 -10.17
C LEU A 266 -1.08 10.06 -9.14
N VAL A 267 0.16 9.92 -8.70
CA VAL A 267 0.71 10.87 -7.74
C VAL A 267 1.48 11.99 -8.43
N SER A 268 1.54 11.99 -9.76
CA SER A 268 2.25 13.03 -10.49
C SER A 268 1.32 14.17 -10.86
N PRO A 269 1.91 15.29 -11.25
CA PRO A 269 1.20 16.48 -11.66
C PRO A 269 0.40 16.20 -12.91
N LEU A 270 0.74 15.15 -13.64
CA LEU A 270 -0.01 14.83 -14.84
C LEU A 270 -1.45 14.45 -14.47
N ALA A 271 -1.61 13.92 -13.25
CA ALA A 271 -2.91 13.48 -12.73
C ALA A 271 -3.64 14.56 -11.96
N SER A 272 -3.27 15.81 -12.22
CA SER A 272 -3.88 16.91 -11.50
C SER A 272 -5.37 17.05 -11.42
N ALA A 273 -6.13 16.41 -12.31
CA ALA A 273 -7.57 16.55 -12.25
C ALA A 273 -8.24 15.32 -11.69
N ILE A 274 -7.44 14.39 -11.20
CA ILE A 274 -7.97 13.16 -10.65
C ILE A 274 -7.81 13.06 -9.11
N THR A 275 -8.94 12.96 -8.40
CA THR A 275 -8.90 12.82 -6.95
C THR A 275 -10.20 12.17 -6.47
N GLY A 276 -10.14 11.43 -5.34
CA GLY A 276 -11.26 10.72 -4.70
C GLY A 276 -11.67 9.49 -5.52
N ALA A 277 -10.78 9.10 -6.44
CA ALA A 277 -11.06 8.00 -7.35
C ALA A 277 -10.58 6.59 -6.97
N THR A 278 -11.30 5.57 -7.48
CA THR A 278 -10.92 4.17 -7.29
C THR A 278 -10.58 3.74 -8.71
N ILE A 279 -9.28 3.54 -8.97
CA ILE A 279 -8.80 3.13 -10.29
C ILE A 279 -8.52 1.63 -10.28
N TYR A 280 -9.16 0.90 -11.20
CA TYR A 280 -8.94 -0.54 -11.30
C TYR A 280 -7.74 -0.90 -12.18
N VAL A 281 -6.77 -1.60 -11.59
CA VAL A 281 -5.58 -2.03 -12.33
C VAL A 281 -5.63 -3.51 -12.08
N ASP A 282 -6.49 -4.17 -12.84
CA ASP A 282 -6.80 -5.59 -12.67
C ASP A 282 -7.15 -6.36 -13.98
N ASN A 283 -6.58 -5.92 -15.09
CA ASN A 283 -6.81 -6.53 -16.40
C ASN A 283 -8.27 -6.49 -16.83
N GLY A 284 -8.99 -5.57 -16.22
CA GLY A 284 -10.42 -5.39 -16.49
C GLY A 284 -11.34 -6.44 -15.90
N LEU A 285 -10.85 -7.39 -15.00
CA LEU A 285 -11.69 -8.42 -14.36
C LEU A 285 -12.99 -7.79 -13.85
N ASN A 286 -12.84 -6.73 -13.05
CA ASN A 286 -14.01 -6.22 -12.37
C ASN A 286 -15.18 -5.99 -13.29
N SER A 287 -14.94 -5.75 -14.57
CA SER A 287 -16.07 -5.47 -15.52
C SER A 287 -16.81 -6.66 -15.99
N MET A 288 -16.22 -7.84 -15.83
CA MET A 288 -16.90 -9.07 -16.31
C MET A 288 -18.17 -9.45 -15.55
N GLY A 289 -19.19 -9.91 -16.27
CA GLY A 289 -20.45 -10.31 -15.63
C GLY A 289 -20.53 -11.83 -15.39
N VAL A 290 -19.67 -12.63 -16.00
CA VAL A 290 -19.74 -14.08 -15.76
C VAL A 290 -18.35 -14.57 -15.95
N ALA A 291 -18.05 -15.71 -15.35
CA ALA A 291 -16.74 -16.35 -15.48
C ALA A 291 -16.79 -17.14 -16.81
N LEU A 292 -15.85 -16.91 -17.68
CA LEU A 292 -15.86 -17.64 -18.94
C LEU A 292 -15.53 -19.14 -18.72
N ASP A 293 -14.90 -19.46 -17.60
CA ASP A 293 -14.53 -20.84 -17.33
C ASP A 293 -15.59 -21.64 -16.58
N SER A 294 -16.77 -21.09 -16.37
CA SER A 294 -17.77 -21.88 -15.67
C SER A 294 -18.07 -23.05 -16.59
N PRO A 295 -18.20 -24.23 -16.00
CA PRO A 295 -18.48 -25.43 -16.77
C PRO A 295 -19.80 -25.36 -17.55
N VAL A 296 -20.71 -24.45 -17.19
CA VAL A 296 -21.96 -24.38 -17.93
C VAL A 296 -21.69 -23.91 -19.33
N PHE A 297 -20.58 -23.22 -19.53
CA PHE A 297 -20.24 -22.76 -20.87
C PHE A 297 -19.13 -23.63 -21.50
PA NAD B . 2.91 -7.12 1.67
O1A NAD B . 2.99 -8.07 2.86
O2A NAD B . 4.08 -6.86 0.77
O5B NAD B . 2.34 -5.75 2.15
C5B NAD B . 1.63 -5.60 3.44
C4B NAD B . 2.52 -4.87 4.27
O4B NAD B . 1.87 -4.39 5.48
C3B NAD B . 3.79 -5.61 4.81
O3B NAD B . 4.99 -4.92 4.26
C2B NAD B . 3.73 -5.54 6.31
O2B NAD B . 4.88 -5.48 7.02
C1B NAD B . 2.86 -4.30 6.40
N9A NAD B . 2.22 -4.21 7.62
C8A NAD B . 1.34 -5.08 8.23
N7A NAD B . 0.93 -4.68 9.41
C5A NAD B . 1.51 -3.48 9.61
C6A NAD B . 1.44 -2.56 10.75
N6A NAD B . 0.72 -2.74 11.82
N1A NAD B . 2.23 -1.47 10.60
C2A NAD B . 3.00 -1.18 9.56
N3A NAD B . 3.11 -2.03 8.45
C4A NAD B . 2.34 -3.18 8.52
O3 NAD B . 1.71 -7.52 0.76
PN NAD B . 0.99 -6.85 -0.61
O1N NAD B . 0.25 -7.95 -1.21
O2N NAD B . 1.99 -6.05 -1.36
O5D NAD B . -0.07 -5.77 0.02
C5D NAD B . 0.09 -4.31 -0.12
C4D NAD B . -1.20 -3.65 -0.14
O4D NAD B . -1.85 -4.15 -1.45
C3D NAD B . -2.32 -4.13 0.91
O3D NAD B . -3.02 -2.98 1.17
C2D NAD B . -3.14 -5.21 0.20
O2D NAD B . -4.43 -5.33 0.69
C1D NAD B . -3.13 -4.61 -1.20
N1N NAD B . -3.46 -5.60 -2.29
C2N NAD B . -2.62 -6.71 -2.53
C3N NAD B . -3.06 -7.50 -3.55
C7N NAD B . -2.10 -8.76 -3.78
O7N NAD B . -2.41 -9.55 -4.65
N7N NAD B . -1.02 -8.86 -3.04
C4N NAD B . -4.22 -7.32 -4.32
C5N NAD B . -4.95 -6.17 -3.95
C6N NAD B . -4.58 -5.31 -2.95
C1 TCL C . -5.86 -8.95 -1.76
C2 TCL C . -5.28 -10.07 -2.33
C6 TCL C . -5.21 -8.38 -0.74
C5 TCL C . -4.01 -8.95 -0.26
C4 TCL C . -3.47 -10.06 -0.85
C3 TCL C . -4.08 -10.65 -1.89
C11 TCL C . -4.12 -9.41 4.73
C10 TCL C . -2.96 -8.70 4.40
C9 TCL C . -2.75 -8.37 3.09
C8 TCL C . -3.67 -8.74 2.08
C12 TCL C . -5.05 -9.79 3.76
C13 TCL C . -4.80 -9.44 2.41
O7 TCL C . -3.38 -8.35 0.77
CL14 TCL C . -6.09 -10.78 -3.71
CL15 TCL C . -4.39 -9.86 6.37
CL16 TCL C . -1.30 -7.47 2.68
O17 TCL C . -5.72 -7.30 -0.15
#